data_4E7O
#
_entry.id   4E7O
#
_cell.length_a   52.868
_cell.length_b   44.950
_cell.length_c   59.304
_cell.angle_alpha   90.00
_cell.angle_beta   98.98
_cell.angle_gamma   90.00
#
_symmetry.space_group_name_H-M   'P 1 21 1'
#
loop_
_entity.id
_entity.type
_entity.pdbx_description
1 polymer 'Response regulator'
2 non-polymer 'MAGNESIUM ION'
3 water water
#
_entity_poly.entity_id   1
_entity_poly.type   'polypeptide(L)'
_entity_poly.pdbx_seq_one_letter_code
;MGSSHHHHHHSSGLVPRGSHMKVLVAEDQSMLRDAMCQLLTLQPDVESVLQAKNGQEAIQLLEKESVDIAILDVEMPVKT
GLEVLEWIRSEKLETKVVVVTTFKRAGYFERAVKAGVDAYVLKERSIADLMQTLHTVLEGRKEYSPELME
;
_entity_poly.pdbx_strand_id   A,B
#
loop_
_chem_comp.id
_chem_comp.type
_chem_comp.name
_chem_comp.formula
MG non-polymer 'MAGNESIUM ION' 'Mg 2'
#
# COMPACT_ATOMS: atom_id res chain seq x y z
N HIS A 20 3.70 -5.95 -22.32
CA HIS A 20 2.96 -4.71 -22.51
C HIS A 20 3.66 -3.45 -21.97
N MET A 21 4.17 -3.52 -20.73
CA MET A 21 4.68 -2.34 -20.03
C MET A 21 5.69 -1.51 -20.79
N LYS A 22 5.48 -0.20 -20.82
CA LYS A 22 6.53 0.72 -21.23
C LYS A 22 7.20 1.27 -19.97
N VAL A 23 8.46 0.93 -19.77
CA VAL A 23 9.20 1.31 -18.58
C VAL A 23 10.23 2.40 -18.83
N LEU A 24 10.35 3.33 -17.88
CA LEU A 24 11.48 4.27 -17.86
C LEU A 24 12.32 3.98 -16.62
N VAL A 25 13.63 3.87 -16.83
CA VAL A 25 14.57 3.70 -15.73
C VAL A 25 15.54 4.88 -15.62
N ALA A 26 15.42 5.64 -14.54
CA ALA A 26 16.37 6.71 -14.20
C ALA A 26 17.29 6.28 -13.06
N GLU A 27 18.59 6.24 -13.35
CA GLU A 27 19.61 5.77 -12.42
C GLU A 27 20.96 6.37 -12.88
N ASP A 28 21.70 7.00 -11.98
CA ASP A 28 22.94 7.68 -12.37
C ASP A 28 24.18 6.79 -12.42
N GLN A 29 24.25 5.78 -11.56
CA GLN A 29 25.36 4.82 -11.57
C GLN A 29 25.20 3.79 -12.70
N SER A 30 26.13 3.84 -13.66
CA SER A 30 25.97 3.20 -14.97
C SER A 30 25.84 1.68 -14.95
N MET A 31 26.58 1.02 -14.07
CA MET A 31 26.47 -0.42 -13.93
C MET A 31 25.05 -0.76 -13.45
N LEU A 32 24.66 -0.08 -12.37
CA LEU A 32 23.34 -0.24 -11.76
C LEU A 32 22.27 -0.04 -12.80
N ARG A 33 22.35 1.06 -13.53
CA ARG A 33 21.39 1.35 -14.58
C ARG A 33 21.34 0.26 -15.66
N ASP A 34 22.49 -0.28 -16.02
CA ASP A 34 22.52 -1.27 -17.09
C ASP A 34 21.95 -2.60 -16.67
N ALA A 35 22.42 -3.08 -15.52
CA ALA A 35 21.90 -4.32 -14.97
C ALA A 35 20.35 -4.33 -14.89
N MET A 36 19.78 -3.21 -14.47
CA MET A 36 18.33 -3.20 -14.26
C MET A 36 17.57 -3.18 -15.60
N CYS A 37 18.04 -2.35 -16.55
CA CYS A 37 17.41 -2.19 -17.86
C CYS A 37 17.45 -3.46 -18.67
N GLN A 38 18.53 -4.21 -18.52
CA GLN A 38 18.71 -5.50 -19.18
C GLN A 38 17.82 -6.56 -18.57
N LEU A 39 17.80 -6.64 -17.24
CA LEU A 39 16.92 -7.57 -16.56
C LEU A 39 15.46 -7.31 -16.96
N LEU A 40 15.10 -6.04 -17.07
CA LEU A 40 13.77 -5.65 -17.51
C LEU A 40 13.49 -5.99 -18.99
N THR A 41 14.42 -5.61 -19.86
CA THR A 41 14.27 -5.82 -21.30
C THR A 41 14.02 -7.29 -21.56
N LEU A 42 14.68 -8.15 -20.80
CA LEU A 42 14.54 -9.58 -21.01
C LEU A 42 13.27 -10.21 -20.36
N GLN A 43 12.46 -9.40 -19.67
CA GLN A 43 11.18 -9.89 -19.14
C GLN A 43 10.14 -9.99 -20.25
N PRO A 44 9.40 -11.11 -20.30
CA PRO A 44 8.32 -11.31 -21.26
C PRO A 44 7.18 -10.28 -21.14
N ASP A 45 7.00 -9.68 -19.97
CA ASP A 45 5.91 -8.73 -19.75
C ASP A 45 6.27 -7.31 -20.20
N VAL A 46 7.51 -7.11 -20.62
CA VAL A 46 7.99 -5.76 -20.93
C VAL A 46 8.13 -5.50 -22.43
N GLU A 47 7.76 -4.30 -22.86
CA GLU A 47 7.77 -3.94 -24.29
C GLU A 47 8.98 -3.09 -24.67
N SER A 48 9.34 -2.15 -23.79
CA SER A 48 10.49 -1.29 -24.04
C SER A 48 10.95 -0.69 -22.73
N VAL A 49 12.23 -0.33 -22.68
CA VAL A 49 12.82 0.25 -21.48
C VAL A 49 13.70 1.45 -21.78
N LEU A 50 13.16 2.65 -21.62
CA LEU A 50 13.94 3.87 -21.77
C LEU A 50 14.96 4.08 -20.63
N GLN A 51 16.04 4.81 -20.91
CA GLN A 51 17.09 5.03 -19.91
C GLN A 51 17.38 6.52 -19.69
N ALA A 52 17.76 6.86 -18.48
CA ALA A 52 18.07 8.24 -18.14
C ALA A 52 19.14 8.16 -17.10
N LYS A 53 20.15 9.03 -17.23
CA LYS A 53 21.34 9.00 -16.38
C LYS A 53 21.10 9.85 -15.17
N ASN A 54 20.20 10.81 -15.32
CA ASN A 54 19.84 11.70 -14.22
C ASN A 54 18.38 12.14 -14.30
N GLY A 55 17.96 12.96 -13.34
CA GLY A 55 16.58 13.39 -13.24
C GLY A 55 16.16 14.27 -14.41
N GLN A 56 17.12 14.96 -15.00
CA GLN A 56 16.82 15.87 -16.10
C GLN A 56 16.51 15.14 -17.39
N GLU A 57 17.23 14.06 -17.66
CA GLU A 57 16.99 13.28 -18.88
C GLU A 57 15.62 12.63 -18.79
N ALA A 58 15.33 12.03 -17.63
CA ALA A 58 14.02 11.41 -17.38
C ALA A 58 12.89 12.37 -17.74
N ILE A 59 12.98 13.61 -17.24
CA ILE A 59 11.96 14.60 -17.56
C ILE A 59 11.89 14.90 -19.06
N GLN A 60 13.05 15.09 -19.69
CA GLN A 60 13.14 15.34 -21.13
C GLN A 60 12.43 14.25 -21.92
N LEU A 61 12.70 13.00 -21.57
CA LEU A 61 12.04 11.87 -22.21
C LEU A 61 10.53 11.88 -21.93
N LEU A 62 10.14 12.20 -20.70
CA LEU A 62 8.73 12.12 -20.34
C LEU A 62 7.93 13.24 -20.99
N GLU A 63 8.66 14.26 -21.46
CA GLU A 63 8.05 15.43 -22.11
C GLU A 63 7.64 15.11 -23.54
N LYS A 64 8.22 14.07 -24.12
CA LYS A 64 7.95 13.70 -25.51
C LYS A 64 7.51 12.24 -25.70
N GLU A 65 7.68 11.42 -24.69
CA GLU A 65 7.35 10.01 -24.80
C GLU A 65 6.34 9.52 -23.75
N SER A 66 5.74 8.36 -24.02
CA SER A 66 4.71 7.81 -23.16
C SER A 66 5.20 6.59 -22.37
N VAL A 67 5.03 6.65 -21.05
CA VAL A 67 5.53 5.62 -20.16
C VAL A 67 4.44 5.09 -19.21
N ASP A 68 4.40 3.78 -18.99
CA ASP A 68 3.46 3.17 -18.05
C ASP A 68 3.99 3.22 -16.62
N ILE A 69 5.29 2.98 -16.48
CA ILE A 69 5.93 3.01 -15.18
C ILE A 69 7.30 3.70 -15.27
N ALA A 70 7.57 4.63 -14.36
CA ALA A 70 8.90 5.20 -14.24
C ALA A 70 9.53 4.65 -12.97
N ILE A 71 10.63 3.93 -13.14
CA ILE A 71 11.45 3.48 -12.02
C ILE A 71 12.55 4.51 -11.84
N LEU A 72 12.51 5.21 -10.71
CA LEU A 72 13.36 6.36 -10.42
C LEU A 72 14.19 6.17 -9.16
N ASP A 73 15.51 6.25 -9.30
CA ASP A 73 16.40 6.32 -8.16
C ASP A 73 16.27 7.71 -7.49
N VAL A 74 16.40 7.78 -6.16
CA VAL A 74 16.31 9.07 -5.44
C VAL A 74 17.51 10.03 -5.67
N GLU A 75 18.69 9.65 -5.20
CA GLU A 75 19.88 10.50 -5.35
C GLU A 75 20.43 10.50 -6.77
N MET A 76 20.00 11.49 -7.55
CA MET A 76 20.47 11.68 -8.92
C MET A 76 20.95 13.11 -9.12
N PRO A 77 21.92 13.29 -10.03
CA PRO A 77 22.38 14.64 -10.33
C PRO A 77 21.31 15.46 -11.06
N VAL A 78 21.32 16.78 -10.80
CA VAL A 78 20.45 17.77 -11.44
C VAL A 78 19.00 17.74 -10.91
N LYS A 79 18.32 16.61 -11.07
CA LYS A 79 16.96 16.41 -10.53
C LYS A 79 16.92 15.08 -9.80
N THR A 80 16.51 15.11 -8.53
CA THR A 80 16.40 13.87 -7.76
C THR A 80 15.22 13.06 -8.29
N GLY A 81 15.11 11.82 -7.84
CA GLY A 81 13.97 11.00 -8.21
C GLY A 81 12.71 11.56 -7.58
N LEU A 82 12.88 12.16 -6.40
CA LEU A 82 11.76 12.78 -5.68
C LEU A 82 11.24 13.95 -6.46
N GLU A 83 12.16 14.78 -6.99
CA GLU A 83 11.78 15.93 -7.80
C GLU A 83 11.12 15.53 -9.12
N VAL A 84 11.54 14.41 -9.69
CA VAL A 84 10.92 13.93 -10.92
C VAL A 84 9.51 13.40 -10.61
N LEU A 85 9.41 12.64 -9.54
CA LEU A 85 8.10 12.20 -9.06
C LEU A 85 7.13 13.40 -8.93
N GLU A 86 7.61 14.47 -8.27
CA GLU A 86 6.80 15.66 -8.05
C GLU A 86 6.39 16.35 -9.34
N TRP A 87 7.24 16.24 -10.36
CA TRP A 87 6.95 16.85 -11.65
C TRP A 87 5.88 16.04 -12.35
N ILE A 88 6.02 14.73 -12.30
CA ILE A 88 5.05 13.83 -12.92
C ILE A 88 3.63 14.09 -12.38
N ARG A 89 3.53 14.26 -11.07
CA ARG A 89 2.25 14.52 -10.42
C ARG A 89 1.70 15.90 -10.79
N SER A 90 2.57 16.90 -10.84
CA SER A 90 2.19 18.26 -11.21
C SER A 90 1.68 18.28 -12.65
N GLU A 91 2.30 17.47 -13.50
CA GLU A 91 1.89 17.33 -14.89
C GLU A 91 0.75 16.32 -15.09
N LYS A 92 0.29 15.71 -14.00
CA LYS A 92 -0.80 14.73 -14.03
C LYS A 92 -0.72 13.71 -15.17
N LEU A 93 0.38 12.95 -15.23
CA LEU A 93 0.60 11.94 -16.26
C LEU A 93 0.08 10.57 -15.84
N GLU A 94 -0.35 9.77 -16.82
CA GLU A 94 -0.82 8.41 -16.58
C GLU A 94 0.33 7.43 -16.36
N THR A 95 1.14 7.67 -15.33
CA THR A 95 2.39 6.95 -15.12
C THR A 95 2.54 6.54 -13.67
N LYS A 96 2.64 5.23 -13.44
CA LYS A 96 2.98 4.78 -12.10
C LYS A 96 4.45 5.15 -11.85
N VAL A 97 4.77 5.43 -10.60
CA VAL A 97 6.11 5.86 -10.28
C VAL A 97 6.66 5.01 -9.16
N VAL A 98 7.69 4.25 -9.48
CA VAL A 98 8.36 3.42 -8.50
C VAL A 98 9.72 4.05 -8.16
N VAL A 99 9.83 4.59 -6.96
CA VAL A 99 11.07 5.20 -6.50
C VAL A 99 11.91 4.12 -5.83
N VAL A 100 13.19 4.08 -6.18
CA VAL A 100 14.11 3.14 -5.56
C VAL A 100 15.19 3.89 -4.79
N THR A 101 15.72 3.25 -3.77
CA THR A 101 16.76 3.84 -2.95
C THR A 101 17.46 2.70 -2.26
N THR A 102 18.62 2.99 -1.67
CA THR A 102 19.25 1.97 -0.85
C THR A 102 19.32 2.35 0.65
N PHE A 103 19.71 3.58 0.95
CA PHE A 103 19.73 4.03 2.34
C PHE A 103 18.36 4.48 2.80
N LYS A 104 18.05 4.25 4.08
CA LYS A 104 16.83 4.78 4.67
C LYS A 104 16.94 6.30 4.66
N ARG A 105 17.82 6.83 5.51
CA ARG A 105 18.31 8.21 5.45
C ARG A 105 17.37 9.13 4.68
N ALA A 106 16.39 9.73 5.36
CA ALA A 106 15.29 10.34 4.62
C ALA A 106 14.51 11.53 5.22
N GLY A 107 13.20 11.36 5.30
CA GLY A 107 12.26 12.45 5.13
C GLY A 107 11.86 12.35 3.66
N TYR A 108 12.59 11.51 2.93
CA TYR A 108 12.31 11.19 1.55
C TYR A 108 11.02 10.37 1.45
N PHE A 109 10.79 9.55 2.47
CA PHE A 109 9.59 8.71 2.52
C PHE A 109 8.37 9.60 2.60
N GLU A 110 8.31 10.46 3.62
CA GLU A 110 7.17 11.36 3.78
C GLU A 110 6.96 12.11 2.49
N ARG A 111 8.06 12.66 1.97
CA ARG A 111 8.01 13.49 0.77
C ARG A 111 7.47 12.71 -0.43
N ALA A 112 7.93 11.48 -0.62
CA ALA A 112 7.42 10.62 -1.70
C ALA A 112 5.96 10.25 -1.46
N VAL A 113 5.64 9.83 -0.25
CA VAL A 113 4.26 9.47 0.08
C VAL A 113 3.34 10.69 -0.09
N LYS A 114 3.87 11.88 0.23
CA LYS A 114 3.13 13.13 0.03
C LYS A 114 2.94 13.45 -1.44
N ALA A 115 3.67 12.74 -2.28
CA ALA A 115 3.64 12.99 -3.72
C ALA A 115 2.88 11.87 -4.45
N GLY A 116 2.28 10.97 -3.67
CA GLY A 116 1.53 9.85 -4.22
C GLY A 116 2.39 8.87 -5.00
N VAL A 117 3.59 8.61 -4.53
CA VAL A 117 4.47 7.61 -5.14
C VAL A 117 3.76 6.26 -5.12
N ASP A 118 3.79 5.54 -6.23
CA ASP A 118 3.04 4.29 -6.27
C ASP A 118 3.74 3.16 -5.53
N ALA A 119 5.07 3.25 -5.45
CA ALA A 119 5.85 2.39 -4.58
C ALA A 119 7.20 3.02 -4.26
N TYR A 120 7.77 2.59 -3.14
CA TYR A 120 8.99 3.17 -2.61
C TYR A 120 9.69 1.96 -2.00
N VAL A 121 10.71 1.46 -2.70
CA VAL A 121 11.23 0.14 -2.40
C VAL A 121 12.74 0.08 -2.53
N LEU A 122 13.32 -0.94 -1.89
CA LEU A 122 14.75 -1.16 -1.96
C LEU A 122 15.21 -1.36 -3.42
N LYS A 123 16.37 -0.78 -3.72
CA LYS A 123 16.91 -0.81 -5.07
C LYS A 123 17.58 -2.15 -5.41
N GLU A 124 18.34 -2.68 -4.46
CA GLU A 124 19.00 -3.98 -4.62
C GLU A 124 18.10 -5.18 -4.26
N ARG A 125 16.98 -5.34 -4.96
CA ARG A 125 16.17 -6.54 -4.75
C ARG A 125 16.21 -7.42 -6.01
N SER A 126 15.65 -8.63 -5.91
CA SER A 126 15.61 -9.56 -7.04
C SER A 126 14.72 -9.01 -8.14
N ILE A 127 15.10 -9.24 -9.39
CA ILE A 127 14.24 -8.89 -10.53
C ILE A 127 12.85 -9.50 -10.37
N ALA A 128 12.78 -10.65 -9.72
CA ALA A 128 11.49 -11.24 -9.39
C ALA A 128 10.69 -10.29 -8.51
N ASP A 129 11.35 -9.74 -7.50
CA ASP A 129 10.69 -8.80 -6.59
C ASP A 129 10.31 -7.50 -7.25
N LEU A 130 11.16 -7.02 -8.16
CA LEU A 130 10.87 -5.77 -8.86
C LEU A 130 9.64 -5.92 -9.76
N MET A 131 9.55 -7.02 -10.49
CA MET A 131 8.37 -7.30 -11.30
C MET A 131 7.10 -7.39 -10.43
N GLN A 132 7.23 -7.92 -9.23
CA GLN A 132 6.08 -7.94 -8.32
C GLN A 132 5.59 -6.51 -8.12
N THR A 133 6.53 -5.63 -7.78
CA THR A 133 6.25 -4.22 -7.61
C THR A 133 5.61 -3.63 -8.87
N LEU A 134 6.19 -3.92 -10.03
CA LEU A 134 5.71 -3.35 -11.29
C LEU A 134 4.25 -3.71 -11.56
N HIS A 135 3.91 -5.00 -11.43
CA HIS A 135 2.52 -5.43 -11.58
C HIS A 135 1.65 -4.80 -10.51
N THR A 136 2.12 -4.84 -9.27
CA THR A 136 1.37 -4.27 -8.14
C THR A 136 0.89 -2.87 -8.46
N VAL A 137 1.78 -2.03 -8.98
CA VAL A 137 1.39 -0.64 -9.22
C VAL A 137 0.54 -0.49 -10.47
N LEU A 138 0.71 -1.43 -11.40
CA LEU A 138 -0.09 -1.43 -12.62
C LEU A 138 -1.55 -1.65 -12.27
N GLU A 139 -1.79 -2.62 -11.39
CA GLU A 139 -3.15 -2.96 -10.92
C GLU A 139 -3.82 -1.88 -10.06
N GLY A 140 -3.04 -0.92 -9.57
CA GLY A 140 -3.59 0.22 -8.87
C GLY A 140 -3.28 0.24 -7.38
N ARG A 141 -2.48 -0.72 -6.93
CA ARG A 141 -2.04 -0.75 -5.54
C ARG A 141 -0.68 -0.06 -5.35
N LYS A 142 -0.23 -0.06 -4.10
CA LYS A 142 1.01 0.56 -3.69
C LYS A 142 1.82 -0.41 -2.86
N GLU A 143 3.14 -0.25 -2.89
CA GLU A 143 4.06 -1.12 -2.17
C GLU A 143 5.17 -0.30 -1.50
N TYR A 144 5.35 -0.48 -0.19
CA TYR A 144 6.47 0.14 0.51
C TYR A 144 7.35 -0.93 1.13
N SER A 145 8.66 -0.89 0.83
CA SER A 145 9.62 -1.77 1.50
C SER A 145 9.59 -1.36 2.97
N PRO A 146 9.18 -2.29 3.86
CA PRO A 146 9.09 -1.95 5.29
C PRO A 146 10.38 -1.26 5.80
N GLU A 147 11.55 -1.82 5.46
CA GLU A 147 12.83 -1.29 5.89
C GLU A 147 12.89 0.23 5.72
N LEU A 148 12.22 0.73 4.68
CA LEU A 148 12.23 2.17 4.38
C LEU A 148 11.18 2.98 5.17
N MET A 149 10.25 2.27 5.84
CA MET A 149 9.24 2.93 6.65
C MET A 149 9.81 3.38 8.01
N HIS B 20 -17.29 -15.18 -1.06
CA HIS B 20 -16.51 -16.06 -0.20
C HIS B 20 -16.25 -15.52 1.21
N MET B 21 -16.02 -14.22 1.32
CA MET B 21 -15.44 -13.65 2.53
C MET B 21 -16.33 -13.74 3.76
N LYS B 22 -15.80 -14.38 4.80
CA LYS B 22 -16.38 -14.29 6.12
C LYS B 22 -15.73 -13.08 6.80
N VAL B 23 -16.55 -12.09 7.12
CA VAL B 23 -16.06 -10.83 7.65
C VAL B 23 -16.56 -10.61 9.08
N LEU B 24 -15.73 -10.00 9.93
CA LEU B 24 -16.19 -9.44 11.19
C LEU B 24 -16.02 -7.93 11.14
N VAL B 25 -17.00 -7.21 11.68
CA VAL B 25 -16.91 -5.77 11.80
C VAL B 25 -17.08 -5.38 13.26
N ALA B 26 -16.09 -4.67 13.82
CA ALA B 26 -16.22 -4.12 15.16
C ALA B 26 -16.27 -2.60 15.12
N GLU B 27 -17.43 -2.05 15.45
CA GLU B 27 -17.70 -0.63 15.36
C GLU B 27 -18.62 -0.26 16.51
N ASP B 28 -18.22 0.74 17.29
CA ASP B 28 -18.95 1.11 18.50
C ASP B 28 -20.14 2.05 18.23
N GLN B 29 -20.05 2.84 17.16
CA GLN B 29 -21.19 3.68 16.77
C GLN B 29 -22.20 2.87 15.96
N SER B 30 -23.42 2.79 16.49
CA SER B 30 -24.42 1.82 16.06
C SER B 30 -24.95 2.03 14.64
N MET B 31 -25.06 3.29 14.20
CA MET B 31 -25.52 3.54 12.84
C MET B 31 -24.41 3.24 11.83
N LEU B 32 -23.16 3.48 12.21
CA LEU B 32 -22.04 3.19 11.29
C LEU B 32 -21.88 1.69 11.15
N ARG B 33 -22.10 0.98 12.25
CA ARG B 33 -21.99 -0.47 12.26
C ARG B 33 -23.07 -1.13 11.43
N ASP B 34 -24.28 -0.58 11.41
CA ASP B 34 -25.33 -1.15 10.60
C ASP B 34 -25.13 -0.80 9.14
N ALA B 35 -24.80 0.46 8.88
CA ALA B 35 -24.55 0.90 7.51
C ALA B 35 -23.52 0.00 6.86
N MET B 36 -22.36 -0.13 7.50
CA MET B 36 -21.21 -0.78 6.86
C MET B 36 -21.47 -2.26 6.68
N CYS B 37 -22.15 -2.85 7.67
CA CYS B 37 -22.44 -4.28 7.65
C CYS B 37 -23.47 -4.62 6.58
N GLN B 38 -24.42 -3.72 6.39
CA GLN B 38 -25.43 -3.91 5.35
C GLN B 38 -24.83 -3.74 3.96
N LEU B 39 -23.92 -2.77 3.84
CA LEU B 39 -23.25 -2.52 2.56
C LEU B 39 -22.37 -3.71 2.18
N LEU B 40 -21.65 -4.23 3.17
CA LEU B 40 -20.77 -5.37 2.95
C LEU B 40 -21.55 -6.60 2.54
N THR B 41 -22.68 -6.82 3.16
CA THR B 41 -23.52 -7.97 2.85
C THR B 41 -24.05 -7.96 1.41
N LEU B 42 -24.34 -6.76 0.89
CA LEU B 42 -24.86 -6.61 -0.46
C LEU B 42 -23.82 -6.89 -1.55
N GLN B 43 -22.54 -6.94 -1.14
CA GLN B 43 -21.46 -7.33 -2.03
C GLN B 43 -21.49 -8.83 -2.28
N PRO B 44 -21.45 -9.22 -3.56
CA PRO B 44 -21.46 -10.64 -3.95
C PRO B 44 -20.24 -11.40 -3.40
N ASP B 45 -19.05 -10.79 -3.47
CA ASP B 45 -17.85 -11.36 -2.84
C ASP B 45 -17.97 -11.62 -1.32
N VAL B 46 -18.78 -10.83 -0.63
CA VAL B 46 -18.96 -11.03 0.81
C VAL B 46 -20.06 -12.05 1.10
N GLU B 47 -19.72 -13.06 1.89
CA GLU B 47 -20.65 -14.12 2.26
C GLU B 47 -21.48 -13.72 3.47
N SER B 48 -20.80 -13.32 4.54
CA SER B 48 -21.46 -12.99 5.80
C SER B 48 -20.61 -12.02 6.62
N VAL B 49 -21.27 -11.29 7.51
CA VAL B 49 -20.60 -10.34 8.37
C VAL B 49 -21.07 -10.50 9.82
N LEU B 50 -20.18 -10.98 10.70
CA LEU B 50 -20.42 -10.92 12.14
C LEU B 50 -20.31 -9.47 12.57
N GLN B 51 -20.75 -9.17 13.77
CA GLN B 51 -20.89 -7.78 14.19
C GLN B 51 -20.55 -7.62 15.66
N ALA B 52 -19.65 -6.69 15.98
CA ALA B 52 -19.27 -6.43 17.36
C ALA B 52 -19.41 -4.97 17.73
N LYS B 53 -20.02 -4.69 18.88
CA LYS B 53 -20.26 -3.31 19.30
C LYS B 53 -19.03 -2.71 19.99
N ASN B 54 -18.10 -3.58 20.38
CA ASN B 54 -16.81 -3.14 20.90
C ASN B 54 -15.74 -4.21 20.81
N GLY B 55 -14.57 -3.90 21.33
CA GLY B 55 -13.41 -4.78 21.21
C GLY B 55 -13.56 -6.13 21.87
N GLN B 56 -14.34 -6.18 22.95
CA GLN B 56 -14.56 -7.44 23.66
C GLN B 56 -15.49 -8.38 22.89
N GLU B 57 -16.62 -7.84 22.42
CA GLU B 57 -17.57 -8.60 21.61
C GLU B 57 -16.86 -9.18 20.39
N ALA B 58 -15.89 -8.42 19.88
CA ALA B 58 -15.10 -8.85 18.74
C ALA B 58 -14.25 -10.09 19.05
N ILE B 59 -13.56 -10.09 20.18
CA ILE B 59 -12.74 -11.24 20.55
C ILE B 59 -13.59 -12.48 20.83
N GLN B 60 -14.68 -12.28 21.55
CA GLN B 60 -15.59 -13.39 21.86
C GLN B 60 -16.08 -14.04 20.58
N LEU B 61 -16.38 -13.21 19.59
CA LEU B 61 -16.84 -13.72 18.30
C LEU B 61 -15.71 -14.38 17.52
N LEU B 62 -14.48 -13.91 17.73
CA LEU B 62 -13.32 -14.38 16.96
C LEU B 62 -12.88 -15.76 17.41
N GLU B 63 -13.08 -16.05 18.68
CA GLU B 63 -12.68 -17.34 19.23
C GLU B 63 -13.79 -18.38 19.13
N LYS B 64 -14.89 -18.02 18.45
CA LYS B 64 -15.96 -18.97 18.19
C LYS B 64 -16.05 -19.32 16.71
N GLU B 65 -16.29 -18.32 15.86
CA GLU B 65 -16.44 -18.56 14.42
C GLU B 65 -15.18 -18.33 13.58
N SER B 66 -15.14 -18.96 12.42
CA SER B 66 -14.08 -18.69 11.47
C SER B 66 -14.29 -17.28 10.95
N VAL B 67 -13.20 -16.58 10.66
CA VAL B 67 -13.30 -15.23 10.10
C VAL B 67 -12.13 -15.02 9.15
N ASP B 68 -12.43 -14.56 7.94
CA ASP B 68 -11.37 -14.25 6.98
C ASP B 68 -10.66 -12.95 7.35
N ILE B 69 -11.45 -11.89 7.54
CA ILE B 69 -10.96 -10.54 7.76
C ILE B 69 -11.74 -9.88 8.88
N ALA B 70 -11.05 -9.20 9.79
CA ALA B 70 -11.79 -8.38 10.76
C ALA B 70 -11.53 -6.91 10.46
N ILE B 71 -12.62 -6.15 10.33
CA ILE B 71 -12.59 -4.70 10.15
C ILE B 71 -12.81 -4.10 11.53
N LEU B 72 -11.75 -3.59 12.14
CA LEU B 72 -11.77 -3.07 13.50
C LEU B 72 -11.61 -1.55 13.59
N ASP B 73 -12.62 -0.89 14.15
CA ASP B 73 -12.53 0.49 14.63
C ASP B 73 -11.34 0.58 15.59
N VAL B 74 -10.61 1.70 15.61
CA VAL B 74 -9.59 1.85 16.66
C VAL B 74 -10.20 2.33 17.97
N GLU B 75 -11.05 3.37 17.93
CA GLU B 75 -11.61 3.92 19.17
C GLU B 75 -12.88 3.17 19.55
N MET B 76 -12.71 2.15 20.39
CA MET B 76 -13.82 1.41 20.95
C MET B 76 -13.70 1.31 22.47
N PRO B 77 -14.85 1.27 23.16
CA PRO B 77 -14.87 1.04 24.62
C PRO B 77 -14.37 -0.36 24.99
N VAL B 78 -14.01 -0.53 26.26
CA VAL B 78 -13.59 -1.83 26.82
C VAL B 78 -12.27 -2.34 26.25
N LYS B 79 -12.24 -2.60 24.95
CA LYS B 79 -11.04 -3.00 24.22
C LYS B 79 -11.01 -2.31 22.86
N THR B 80 -9.88 -1.69 22.51
CA THR B 80 -9.76 -0.94 21.26
C THR B 80 -9.43 -1.88 20.10
N GLY B 81 -9.48 -1.35 18.88
CA GLY B 81 -9.13 -2.11 17.69
C GLY B 81 -7.73 -2.67 17.83
N LEU B 82 -6.84 -1.85 18.39
CA LEU B 82 -5.43 -2.17 18.52
C LEU B 82 -5.19 -3.30 19.49
N GLU B 83 -5.90 -3.26 20.62
CA GLU B 83 -5.88 -4.37 21.56
C GLU B 83 -6.32 -5.65 20.83
N VAL B 84 -7.49 -5.61 20.18
CA VAL B 84 -8.02 -6.78 19.45
C VAL B 84 -7.03 -7.30 18.40
N LEU B 85 -6.37 -6.39 17.68
CA LEU B 85 -5.31 -6.76 16.76
C LEU B 85 -4.24 -7.57 17.49
N GLU B 86 -3.75 -7.03 18.61
CA GLU B 86 -2.67 -7.68 19.34
C GLU B 86 -3.07 -9.04 19.89
N TRP B 87 -4.33 -9.17 20.29
CA TRP B 87 -4.86 -10.45 20.75
C TRP B 87 -4.93 -11.43 19.60
N ILE B 88 -5.40 -10.97 18.45
CA ILE B 88 -5.47 -11.82 17.26
C ILE B 88 -4.11 -12.40 16.94
N ARG B 89 -3.06 -11.58 17.06
CA ARG B 89 -1.70 -12.03 16.74
C ARG B 89 -1.13 -12.94 17.83
N SER B 90 -1.38 -12.59 19.08
CA SER B 90 -0.92 -13.41 20.21
C SER B 90 -1.58 -14.78 20.19
N GLU B 91 -2.68 -14.90 19.46
CA GLU B 91 -3.36 -16.17 19.29
C GLU B 91 -2.93 -16.81 17.98
N LYS B 92 -2.17 -16.07 17.20
CA LYS B 92 -1.77 -16.52 15.88
C LYS B 92 -2.98 -17.01 15.08
N LEU B 93 -4.08 -16.27 15.13
CA LEU B 93 -5.25 -16.60 14.33
C LEU B 93 -4.92 -16.36 12.86
N GLU B 94 -5.56 -17.13 11.98
CA GLU B 94 -5.37 -16.98 10.53
C GLU B 94 -6.36 -15.96 9.95
N THR B 95 -6.50 -14.84 10.65
CA THR B 95 -7.38 -13.76 10.23
C THR B 95 -6.59 -12.54 9.74
N LYS B 96 -7.08 -11.93 8.66
CA LYS B 96 -6.49 -10.71 8.16
C LYS B 96 -7.11 -9.53 8.90
N VAL B 97 -6.29 -8.55 9.25
CA VAL B 97 -6.81 -7.44 10.04
C VAL B 97 -6.79 -6.11 9.30
N VAL B 98 -7.99 -5.56 9.10
CA VAL B 98 -8.14 -4.21 8.60
C VAL B 98 -8.56 -3.29 9.72
N VAL B 99 -7.68 -2.35 10.07
CA VAL B 99 -8.05 -1.39 11.10
C VAL B 99 -8.55 -0.14 10.39
N VAL B 100 -9.58 0.48 10.95
CA VAL B 100 -10.17 1.69 10.39
C VAL B 100 -10.28 2.82 11.41
N THR B 101 -10.11 4.05 10.94
CA THR B 101 -10.16 5.23 11.79
C THR B 101 -10.32 6.51 10.96
N THR B 102 -10.37 7.65 11.65
CA THR B 102 -10.62 8.93 11.01
C THR B 102 -9.52 9.93 11.37
N PHE B 103 -8.84 9.66 12.48
CA PHE B 103 -7.85 10.60 13.00
C PHE B 103 -6.44 10.03 12.97
N LYS B 104 -5.50 10.83 12.47
CA LYS B 104 -4.10 10.46 12.54
C LYS B 104 -3.64 10.75 13.99
N ARG B 105 -3.51 9.69 14.78
CA ARG B 105 -3.23 9.84 16.19
C ARG B 105 -1.85 9.29 16.52
N ALA B 106 -0.96 10.19 16.92
CA ALA B 106 0.44 9.86 17.16
C ALA B 106 0.60 8.54 17.90
N GLY B 107 1.38 7.63 17.31
CA GLY B 107 1.66 6.36 17.96
C GLY B 107 0.88 5.19 17.40
N TYR B 108 -0.28 5.46 16.81
CA TYR B 108 -1.17 4.37 16.37
C TYR B 108 -0.63 3.60 15.18
N PHE B 109 -0.37 4.32 14.07
CA PHE B 109 0.12 3.66 12.87
C PHE B 109 1.25 2.71 13.21
N GLU B 110 2.24 3.21 13.95
CA GLU B 110 3.36 2.39 14.35
C GLU B 110 2.91 1.12 15.09
N ARG B 111 2.13 1.30 16.15
CA ARG B 111 1.65 0.18 16.95
C ARG B 111 0.87 -0.84 16.12
N ALA B 112 0.02 -0.36 15.21
CA ALA B 112 -0.67 -1.23 14.26
C ALA B 112 0.33 -2.01 13.39
N VAL B 113 1.38 -1.32 12.93
CA VAL B 113 2.34 -1.89 12.01
C VAL B 113 3.33 -2.84 12.71
N LYS B 114 3.55 -2.63 14.00
CA LYS B 114 4.47 -3.52 14.70
C LYS B 114 3.76 -4.82 15.03
N ALA B 115 2.43 -4.76 15.05
CA ALA B 115 1.60 -5.94 15.31
C ALA B 115 1.25 -6.66 14.01
N GLY B 116 1.83 -6.21 12.90
CA GLY B 116 1.59 -6.82 11.60
C GLY B 116 0.20 -6.61 11.05
N VAL B 117 -0.38 -5.44 11.28
CA VAL B 117 -1.69 -5.13 10.72
C VAL B 117 -1.65 -5.30 9.21
N ASP B 118 -2.74 -5.78 8.64
CA ASP B 118 -2.79 -5.99 7.19
C ASP B 118 -3.18 -4.72 6.44
N ALA B 119 -3.96 -3.87 7.07
CA ALA B 119 -4.31 -2.58 6.49
C ALA B 119 -4.67 -1.58 7.58
N TYR B 120 -4.42 -0.31 7.29
CA TYR B 120 -4.73 0.74 8.23
C TYR B 120 -5.21 1.89 7.36
N VAL B 121 -6.54 2.00 7.27
CA VAL B 121 -7.15 2.86 6.28
C VAL B 121 -8.25 3.71 6.87
N LEU B 122 -8.61 4.78 6.17
CA LEU B 122 -9.69 5.64 6.64
C LEU B 122 -11.03 4.92 6.65
N LYS B 123 -11.86 5.27 7.63
CA LYS B 123 -13.20 4.70 7.76
C LYS B 123 -14.16 5.21 6.69
N GLU B 124 -14.10 6.52 6.43
CA GLU B 124 -14.99 7.19 5.48
C GLU B 124 -14.55 7.02 4.02
N ARG B 125 -14.79 5.86 3.43
CA ARG B 125 -14.45 5.58 2.03
C ARG B 125 -15.57 4.79 1.35
N SER B 126 -15.55 4.74 0.02
CA SER B 126 -16.54 3.97 -0.72
C SER B 126 -16.45 2.50 -0.34
N ILE B 127 -17.54 1.77 -0.48
CA ILE B 127 -17.49 0.32 -0.32
C ILE B 127 -16.61 -0.30 -1.42
N ALA B 128 -16.59 0.34 -2.59
CA ALA B 128 -15.67 -0.05 -3.66
C ALA B 128 -14.25 -0.07 -3.11
N ASP B 129 -13.82 1.07 -2.58
CA ASP B 129 -12.53 1.19 -1.91
C ASP B 129 -12.29 0.14 -0.83
N LEU B 130 -13.23 0.02 0.11
CA LEU B 130 -13.09 -0.95 1.19
C LEU B 130 -12.91 -2.36 0.62
N MET B 131 -13.75 -2.74 -0.34
CA MET B 131 -13.61 -4.05 -0.99
C MET B 131 -12.20 -4.29 -1.59
N GLN B 132 -11.59 -3.27 -2.19
CA GLN B 132 -10.21 -3.44 -2.66
C GLN B 132 -9.29 -3.79 -1.50
N THR B 133 -9.43 -3.04 -0.41
CA THR B 133 -8.69 -3.32 0.81
C THR B 133 -8.90 -4.76 1.23
N LEU B 134 -10.15 -5.21 1.18
CA LEU B 134 -10.44 -6.57 1.60
C LEU B 134 -9.71 -7.60 0.74
N HIS B 135 -9.80 -7.45 -0.58
CA HIS B 135 -9.09 -8.35 -1.47
C HIS B 135 -7.59 -8.28 -1.22
N THR B 136 -7.09 -7.05 -1.13
CA THR B 136 -5.65 -6.82 -1.00
C THR B 136 -5.07 -7.65 0.14
N VAL B 137 -5.71 -7.62 1.30
CA VAL B 137 -5.18 -8.32 2.46
C VAL B 137 -5.32 -9.84 2.38
N LEU B 138 -6.33 -10.32 1.65
CA LEU B 138 -6.47 -11.76 1.41
C LEU B 138 -5.25 -12.31 0.65
N GLU B 139 -4.76 -11.51 -0.30
CA GLU B 139 -3.61 -11.89 -1.12
C GLU B 139 -2.26 -11.60 -0.45
N GLY B 140 -2.30 -11.27 0.84
CA GLY B 140 -1.10 -11.07 1.63
C GLY B 140 -0.41 -9.73 1.45
N ARG B 141 -1.00 -8.82 0.68
CA ARG B 141 -0.45 -7.47 0.56
C ARG B 141 -0.95 -6.50 1.66
N LYS B 142 -0.39 -5.30 1.65
CA LYS B 142 -0.68 -4.26 2.62
C LYS B 142 -1.32 -3.06 1.92
N GLU B 143 -2.15 -2.34 2.67
CA GLU B 143 -2.64 -1.02 2.27
C GLU B 143 -2.65 -0.09 3.47
N TYR B 144 -2.15 1.13 3.29
CA TYR B 144 -2.23 2.14 4.32
C TYR B 144 -2.71 3.42 3.66
N SER B 145 -3.78 4.01 4.18
CA SER B 145 -4.17 5.34 3.74
C SER B 145 -3.01 6.30 4.02
N PRO B 146 -2.58 7.04 2.99
CA PRO B 146 -1.52 8.04 3.15
C PRO B 146 -1.79 8.98 4.32
N GLU B 147 -3.05 9.36 4.50
CA GLU B 147 -3.43 10.34 5.51
C GLU B 147 -3.19 9.83 6.93
N LEU B 148 -2.84 8.56 7.04
CA LEU B 148 -2.66 7.91 8.34
C LEU B 148 -1.23 7.40 8.54
N MET B 149 -0.41 7.49 7.50
CA MET B 149 0.95 6.96 7.57
C MET B 149 1.87 7.87 8.38
N GLU B 150 2.80 7.28 9.12
CA GLU B 150 3.79 8.02 9.89
C GLU B 150 4.85 7.09 10.50
MG MG C . 22.03 7.21 -7.29
MG MG D . -15.28 5.02 17.13
#